data_6TNE
#
_entry.id   6TNE
#
_cell.length_a   37.430
_cell.length_b   42.900
_cell.length_c   65.037
_cell.angle_alpha   90.000
_cell.angle_beta   94.360
_cell.angle_gamma   90.000
#
_symmetry.space_group_name_H-M   'I 1 2 1'
#
loop_
_entity.id
_entity.type
_entity.pdbx_description
1 polymer 'Histidine kinase'
2 water water
#
_entity_poly.entity_id   1
_entity_poly.type   'polypeptide(L)'
_entity_poly.pdbx_seq_one_letter_code
;GRILFVEDEDAVRSVAARLLRARGYEVLEAADGEEALIIAEENAGTIDLLISDVIMPGIDGPTLLKKARGYLGTAPVMFI
SGYAEAEFSDLLEGETGVTFLPKPIDIKTLAERVKQQLQA
;
_entity_poly.pdbx_strand_id   A
#
# COMPACT_ATOMS: atom_id res chain seq x y z
N GLY A 1 -2.80 -10.57 7.44
CA GLY A 1 -2.34 -10.25 6.11
C GLY A 1 -1.26 -9.19 6.26
N ARG A 2 -0.17 -9.30 5.50
CA ARG A 2 0.95 -8.37 5.60
C ARG A 2 0.81 -7.28 4.51
N ILE A 3 0.59 -6.04 4.93
CA ILE A 3 0.31 -4.94 4.01
C ILE A 3 1.51 -4.01 4.07
N LEU A 4 2.04 -3.63 2.90
CA LEU A 4 3.02 -2.56 2.82
C LEU A 4 2.24 -1.30 2.44
N PHE A 5 2.26 -0.30 3.32
CA PHE A 5 1.43 0.91 3.18
C PHE A 5 2.38 2.09 3.03
N VAL A 6 2.37 2.69 1.85
CA VAL A 6 3.31 3.75 1.48
C VAL A 6 2.53 5.04 1.33
N GLU A 7 2.83 6.03 2.18
CA GLU A 7 2.09 7.29 2.22
C GLU A 7 2.99 8.29 2.93
N ASP A 8 3.25 9.42 2.26
CA ASP A 8 4.12 10.43 2.83
C ASP A 8 3.47 11.24 3.93
N GLU A 9 2.14 11.40 3.91
CA GLU A 9 1.46 12.19 4.91
C GLU A 9 1.31 11.36 6.17
N ASP A 10 2.08 11.70 7.19
CA ASP A 10 2.20 10.85 8.37
C ASP A 10 0.85 10.58 9.04
N ALA A 11 0.05 11.63 9.26
CA ALA A 11 -1.20 11.42 9.99
C ALA A 11 -2.19 10.57 9.20
N VAL A 12 -2.24 10.71 7.86
CA VAL A 12 -3.11 9.87 7.04
C VAL A 12 -2.64 8.41 7.11
N ARG A 13 -1.33 8.19 6.93
CA ARG A 13 -0.80 6.85 6.96
C ARG A 13 -1.02 6.21 8.31
N SER A 14 -0.76 6.96 9.39
CA SER A 14 -0.80 6.37 10.74
C SER A 14 -2.22 5.99 11.10
N VAL A 15 -3.20 6.83 10.79
CA VAL A 15 -4.59 6.48 11.07
C VAL A 15 -4.95 5.18 10.38
N ALA A 16 -4.70 5.12 9.07
CA ALA A 16 -5.09 3.94 8.30
C ALA A 16 -4.36 2.72 8.78
N ALA A 17 -3.06 2.85 9.05
CA ALA A 17 -2.27 1.70 9.53
C ALA A 17 -2.83 1.17 10.85
N ARG A 18 -3.09 2.09 11.80
CA ARG A 18 -3.61 1.67 13.11
C ARG A 18 -4.98 1.02 12.99
N LEU A 19 -5.84 1.55 12.11
CA LEU A 19 -7.16 0.96 11.94
C LEU A 19 -7.09 -0.38 11.25
N LEU A 20 -6.11 -0.57 10.35
CA LEU A 20 -5.94 -1.88 9.74
C LEU A 20 -5.35 -2.88 10.76
N ARG A 21 -4.41 -2.42 11.59
CA ARG A 21 -3.89 -3.33 12.64
C ARG A 21 -4.99 -3.77 13.60
N ALA A 22 -5.96 -2.89 13.87
CA ALA A 22 -7.08 -3.24 14.73
C ALA A 22 -7.91 -4.36 14.15
N ARG A 23 -7.84 -4.55 12.84
CA ARG A 23 -8.54 -5.61 12.14
C ARG A 23 -7.67 -6.82 11.91
N GLY A 24 -6.48 -6.84 12.47
CA GLY A 24 -5.68 -8.03 12.47
C GLY A 24 -4.60 -8.08 11.41
N TYR A 25 -4.45 -7.01 10.62
CA TYR A 25 -3.39 -7.00 9.62
C TYR A 25 -2.05 -6.58 10.23
N GLU A 26 -0.97 -7.07 9.63
CA GLU A 26 0.35 -6.52 9.92
C GLU A 26 0.59 -5.44 8.89
N VAL A 27 0.96 -4.25 9.34
CA VAL A 27 1.12 -3.13 8.43
C VAL A 27 2.54 -2.61 8.53
N LEU A 28 3.28 -2.71 7.41
CA LEU A 28 4.62 -2.17 7.32
C LEU A 28 4.48 -0.81 6.67
N GLU A 29 4.86 0.22 7.37
CA GLU A 29 4.67 1.59 6.89
C GLU A 29 5.92 2.11 6.20
N ALA A 30 5.73 2.89 5.15
CA ALA A 30 6.82 3.58 4.50
C ALA A 30 6.34 4.98 4.16
N ALA A 31 7.24 5.98 4.20
CA ALA A 31 6.89 7.33 3.87
C ALA A 31 7.27 7.73 2.46
N ASP A 32 7.98 6.88 1.74
CA ASP A 32 8.38 7.21 0.38
C ASP A 32 8.74 5.93 -0.35
N GLY A 33 8.91 6.05 -1.65
CA GLY A 33 9.16 4.88 -2.46
C GLY A 33 10.49 4.25 -2.24
N GLU A 34 11.51 5.06 -1.96
CA GLU A 34 12.82 4.50 -1.73
C GLU A 34 12.82 3.60 -0.46
N GLU A 35 12.17 4.03 0.62
CA GLU A 35 12.00 3.18 1.81
C GLU A 35 11.18 1.95 1.48
N ALA A 36 10.07 2.14 0.75
CA ALA A 36 9.21 1.03 0.38
C ALA A 36 9.95 -0.03 -0.41
N LEU A 37 10.83 0.38 -1.32
CA LEU A 37 11.56 -0.58 -2.15
C LEU A 37 12.46 -1.46 -1.28
N ILE A 38 13.10 -0.87 -0.26
CA ILE A 38 13.93 -1.67 0.63
C ILE A 38 13.08 -2.62 1.46
N ILE A 39 11.92 -2.13 1.96
CA ILE A 39 11.04 -3.02 2.70
C ILE A 39 10.56 -4.18 1.84
N ALA A 40 10.19 -3.87 0.59
CA ALA A 40 9.72 -4.92 -0.32
C ALA A 40 10.79 -5.95 -0.58
N GLU A 41 12.03 -5.50 -0.80
CA GLU A 41 13.11 -6.45 -1.04
C GLU A 41 13.32 -7.35 0.17
N GLU A 42 13.39 -6.77 1.36
CA GLU A 42 13.67 -7.54 2.57
C GLU A 42 12.53 -8.43 2.98
N ASN A 43 11.34 -8.19 2.45
CA ASN A 43 10.16 -9.00 2.76
C ASN A 43 9.64 -9.69 1.51
N ALA A 44 10.50 -9.88 0.53
CA ALA A 44 10.08 -10.37 -0.78
C ALA A 44 9.32 -11.68 -0.64
N GLY A 45 8.19 -11.76 -1.36
CA GLY A 45 7.32 -12.93 -1.35
C GLY A 45 6.48 -13.13 -0.10
N THR A 46 6.54 -12.21 0.88
CA THR A 46 5.72 -12.34 2.07
C THR A 46 4.73 -11.19 2.21
N ILE A 47 4.71 -10.24 1.29
CA ILE A 47 3.75 -9.15 1.33
C ILE A 47 2.50 -9.55 0.57
N ASP A 48 1.36 -9.36 1.20
CA ASP A 48 0.09 -9.75 0.62
C ASP A 48 -0.59 -8.64 -0.16
N LEU A 49 -0.22 -7.38 0.08
CA LEU A 49 -0.89 -6.25 -0.55
C LEU A 49 0.02 -5.06 -0.44
N LEU A 50 0.16 -4.29 -1.50
CA LEU A 50 0.79 -2.98 -1.47
C LEU A 50 -0.33 -1.93 -1.56
N ILE A 51 -0.33 -0.97 -0.64
CA ILE A 51 -1.19 0.21 -0.74
C ILE A 51 -0.25 1.39 -0.86
N SER A 52 -0.38 2.20 -1.91
CA SER A 52 0.54 3.31 -2.08
C SER A 52 -0.16 4.55 -2.55
N ASP A 53 0.21 5.69 -1.98
CA ASP A 53 -0.12 6.99 -2.56
C ASP A 53 0.50 7.10 -3.94
N VAL A 54 -0.14 7.87 -4.80
CA VAL A 54 0.36 8.07 -6.17
C VAL A 54 1.46 9.11 -6.21
N ILE A 55 1.18 10.30 -5.71
CA ILE A 55 2.12 11.41 -5.79
C ILE A 55 2.76 11.58 -4.41
N MET A 56 4.08 11.45 -4.33
CA MET A 56 4.83 11.51 -3.07
C MET A 56 6.16 12.16 -3.37
N PRO A 57 6.75 12.88 -2.43
CA PRO A 57 8.15 13.31 -2.63
C PRO A 57 9.00 12.09 -2.99
N GLY A 58 9.84 12.22 -4.02
CA GLY A 58 10.54 11.08 -4.56
C GLY A 58 9.76 10.41 -5.69
N ILE A 59 10.04 9.13 -5.95
CA ILE A 59 9.33 8.43 -7.01
C ILE A 59 7.83 8.31 -6.71
N ASP A 60 7.04 8.37 -7.77
CA ASP A 60 5.59 8.18 -7.64
C ASP A 60 5.27 6.70 -7.37
N GLY A 61 4.04 6.45 -6.91
CA GLY A 61 3.58 5.10 -6.61
C GLY A 61 3.69 4.14 -7.79
N PRO A 62 3.24 4.54 -8.99
CA PRO A 62 3.37 3.62 -10.14
C PRO A 62 4.81 3.27 -10.48
N THR A 63 5.74 4.21 -10.32
CA THR A 63 7.15 3.91 -10.49
C THR A 63 7.66 2.95 -9.43
N LEU A 64 7.26 3.17 -8.19
CA LEU A 64 7.55 2.21 -7.13
C LEU A 64 7.07 0.82 -7.54
N LEU A 65 5.85 0.71 -8.06
CA LEU A 65 5.35 -0.60 -8.47
C LEU A 65 6.25 -1.20 -9.53
N LYS A 66 6.66 -0.41 -10.50
CA LYS A 66 7.54 -0.97 -11.54
C LYS A 66 8.83 -1.51 -10.94
N LYS A 67 9.38 -0.82 -9.96
CA LYS A 67 10.62 -1.27 -9.34
C LYS A 67 10.43 -2.42 -8.37
N ALA A 68 9.26 -2.50 -7.76
CA ALA A 68 9.04 -3.42 -6.65
C ALA A 68 8.21 -4.63 -7.03
N ARG A 69 7.62 -4.66 -8.23
CA ARG A 69 6.69 -5.70 -8.59
C ARG A 69 7.31 -7.09 -8.44
N GLY A 70 8.57 -7.25 -8.85
CA GLY A 70 9.24 -8.55 -8.71
C GLY A 70 9.29 -9.03 -7.25
N TYR A 71 9.60 -8.11 -6.30
CA TYR A 71 9.64 -8.51 -4.89
C TYR A 71 8.25 -8.81 -4.38
N LEU A 72 7.24 -8.11 -4.93
CA LEU A 72 5.86 -8.30 -4.53
C LEU A 72 5.23 -9.57 -5.11
N GLY A 73 5.79 -10.14 -6.17
CA GLY A 73 5.19 -11.33 -6.74
C GLY A 73 3.84 -10.97 -7.30
N THR A 74 2.84 -11.80 -7.01
CA THR A 74 1.49 -11.55 -7.49
C THR A 74 0.64 -10.75 -6.51
N ALA A 75 1.26 -10.17 -5.48
CA ALA A 75 0.45 -9.42 -4.52
C ALA A 75 -0.36 -8.34 -5.25
N PRO A 76 -1.61 -8.15 -4.88
CA PRO A 76 -2.38 -7.01 -5.41
C PRO A 76 -1.80 -5.69 -4.95
N VAL A 77 -2.15 -4.65 -5.69
CA VAL A 77 -1.67 -3.30 -5.46
C VAL A 77 -2.87 -2.37 -5.50
N MET A 78 -2.97 -1.47 -4.53
CA MET A 78 -4.03 -0.49 -4.46
C MET A 78 -3.41 0.88 -4.37
N PHE A 79 -3.66 1.73 -5.35
CA PHE A 79 -3.22 3.10 -5.33
C PHE A 79 -4.29 3.97 -4.72
N ILE A 80 -3.85 4.97 -3.97
CA ILE A 80 -4.73 5.95 -3.35
C ILE A 80 -4.29 7.33 -3.82
N SER A 81 -5.25 8.23 -4.02
CA SER A 81 -4.87 9.60 -4.38
C SER A 81 -6.09 10.49 -4.29
N GLY A 82 -5.85 11.78 -3.99
CA GLY A 82 -6.87 12.80 -4.08
C GLY A 82 -7.14 13.28 -5.48
N TYR A 83 -6.28 12.89 -6.44
CA TYR A 83 -6.48 13.19 -7.86
C TYR A 83 -7.34 12.18 -8.63
N GLU A 95 -0.18 -4.17 -16.27
CA GLU A 95 -0.06 -4.57 -14.85
C GLU A 95 -1.39 -5.03 -14.26
N THR A 96 -1.39 -6.29 -13.84
CA THR A 96 -2.55 -6.98 -13.30
C THR A 96 -2.68 -6.72 -11.79
N GLY A 97 -3.87 -6.96 -11.26
CA GLY A 97 -4.10 -6.78 -9.85
C GLY A 97 -3.96 -5.36 -9.33
N VAL A 98 -4.21 -4.30 -10.16
CA VAL A 98 -4.03 -2.89 -9.75
C VAL A 98 -5.38 -2.19 -9.61
N THR A 99 -5.63 -1.64 -8.43
CA THR A 99 -6.88 -0.97 -8.10
C THR A 99 -6.59 0.45 -7.65
N PHE A 100 -7.65 1.23 -7.45
N PHE A 100 -7.63 1.26 -7.59
CA PHE A 100 -7.56 2.67 -7.16
CA PHE A 100 -7.55 2.63 -7.13
C PHE A 100 -8.67 3.08 -6.23
C PHE A 100 -8.63 2.87 -6.07
N LEU A 101 -8.31 3.70 -5.11
CA LEU A 101 -9.27 4.15 -4.09
C LEU A 101 -9.04 5.64 -3.89
N PRO A 102 -10.06 6.48 -4.07
CA PRO A 102 -9.82 7.93 -3.93
C PRO A 102 -9.63 8.31 -2.46
N LYS A 103 -8.82 9.33 -2.24
CA LYS A 103 -8.75 10.06 -0.98
C LYS A 103 -9.75 11.22 -1.00
N PRO A 104 -10.28 11.63 0.16
CA PRO A 104 -10.00 11.10 1.50
C PRO A 104 -10.53 9.69 1.69
N ILE A 105 -9.78 8.88 2.43
CA ILE A 105 -10.07 7.47 2.65
C ILE A 105 -11.16 7.33 3.71
N ASP A 106 -12.15 6.51 3.42
CA ASP A 106 -13.19 6.08 4.32
C ASP A 106 -12.76 4.69 4.83
N ILE A 107 -12.62 4.50 6.17
CA ILE A 107 -12.07 3.22 6.68
C ILE A 107 -12.94 2.04 6.29
N LYS A 108 -14.26 2.20 6.35
CA LYS A 108 -15.15 1.10 5.99
C LYS A 108 -14.85 0.64 4.56
N THR A 109 -14.67 1.60 3.66
CA THR A 109 -14.40 1.25 2.28
C THR A 109 -13.00 0.69 2.14
N LEU A 110 -12.02 1.29 2.82
CA LEU A 110 -10.66 0.75 2.75
C LEU A 110 -10.63 -0.70 3.20
N ALA A 111 -11.24 -0.98 4.36
CA ALA A 111 -11.24 -2.34 4.90
C ALA A 111 -11.96 -3.31 3.94
N GLU A 112 -13.07 -2.88 3.36
CA GLU A 112 -13.77 -3.72 2.39
C GLU A 112 -12.88 -4.06 1.21
N ARG A 113 -12.19 -3.07 0.63
CA ARG A 113 -11.33 -3.31 -0.52
C ARG A 113 -10.12 -4.17 -0.16
N VAL A 114 -9.54 -3.97 1.02
CA VAL A 114 -8.43 -4.82 1.42
C VAL A 114 -8.90 -6.26 1.49
N LYS A 115 -10.04 -6.46 2.15
CA LYS A 115 -10.59 -7.81 2.27
C LYS A 115 -10.85 -8.44 0.91
N GLN A 116 -11.46 -7.68 0.00
CA GLN A 116 -11.75 -8.20 -1.34
C GLN A 116 -10.47 -8.62 -2.06
N GLN A 117 -9.45 -7.75 -2.06
CA GLN A 117 -8.20 -8.04 -2.76
C GLN A 117 -7.48 -9.23 -2.13
N LEU A 118 -7.59 -9.41 -0.82
CA LEU A 118 -6.92 -10.52 -0.18
C LEU A 118 -7.67 -11.84 -0.32
N GLN A 119 -8.99 -11.81 -0.59
CA GLN A 119 -9.81 -13.02 -0.65
C GLN A 119 -10.10 -13.36 -2.11
#